data_1NLD
#
_entry.id   1NLD
#
_cell.length_a   38.150
_cell.length_b   82.550
_cell.length_c   131.000
_cell.angle_alpha   90.00
_cell.angle_beta   90.00
_cell.angle_gamma   90.00
#
_symmetry.space_group_name_H-M   'P 21 21 21'
#
loop_
_entity.id
_entity.type
_entity.pdbx_description
1 polymer FAB1583
2 polymer FAB1583
#
loop_
_entity_poly.entity_id
_entity_poly.type
_entity_poly.pdbx_seq_one_letter_code
_entity_poly.pdbx_strand_id
1 'polypeptide(L)'
;DVVMTQTPLTLSVTIGQPASISCKSSQSLLDSDGKTYLNWLLQRPGQSPKRLIYLVSKLDSGVPDRFTGSGSGTDFTLKI
SRVEAEDLGVYYCWQGTHFPRTFGGGTKLEIKRADAAPTVSIFPPSSEQLTSGGASVVCFLNNFYPKDINVKWKIDGSER
QNGVLNSWTDQDSKDSTYSMSSTLTLTKDEYERHNSYTCEATHKTSTSPIVKSFNRNEC
;
L
2 'polypeptide(L)'
;QVKLQQSGPGLVQPSQSLSITCTVSGFSLTCYGVHWVRQSPGKGLEWLGVIWSGGDTDYNAAFISRLSITKDNSKSQVFF
KMNSLQPNDRAIYYCARRGGDFWGQGTTVTVSSASTTAPSVYPLAPVSGDQTNSSVTLGCLVKGYFPEPVTLTWNSGSLS
SGVHTFPAVLQSDLYTLSSSVTVTSSPWPSETITCNVAHPASSTKVDKKIEPRGC
;
H
#
# COMPACT_ATOMS: atom_id res chain seq x y z
N ASP A 1 -27.91 10.37 8.87
CA ASP A 1 -26.60 10.87 8.34
C ASP A 1 -26.79 11.10 6.86
N VAL A 2 -25.71 11.48 6.18
CA VAL A 2 -25.77 11.68 4.76
C VAL A 2 -25.10 10.46 4.19
N VAL A 3 -25.88 9.63 3.48
CA VAL A 3 -25.37 8.42 2.86
C VAL A 3 -24.86 8.77 1.46
N MET A 4 -23.55 8.63 1.27
CA MET A 4 -22.92 8.92 0.00
C MET A 4 -22.77 7.59 -0.72
N THR A 5 -23.31 7.50 -1.94
CA THR A 5 -23.24 6.28 -2.73
C THR A 5 -22.55 6.52 -4.08
N GLN A 6 -21.40 5.88 -4.28
CA GLN A 6 -20.66 5.97 -5.53
C GLN A 6 -21.10 4.72 -6.28
N THR A 7 -21.63 4.88 -7.50
CA THR A 7 -22.13 3.73 -8.21
C THR A 7 -21.08 2.84 -8.88
N PRO A 8 -20.29 3.37 -9.82
CA PRO A 8 -19.32 2.39 -10.34
C PRO A 8 -18.40 1.96 -9.20
N LEU A 9 -18.49 0.70 -8.80
CA LEU A 9 -17.67 0.17 -7.71
C LEU A 9 -16.25 -0.07 -8.22
N THR A 10 -16.14 -0.73 -9.36
CA THR A 10 -14.85 -1.00 -10.00
C THR A 10 -15.04 -0.48 -11.42
N LEU A 11 -13.95 -0.18 -12.12
CA LEU A 11 -14.08 0.34 -13.46
C LEU A 11 -12.78 0.21 -14.26
N SER A 12 -12.77 -0.69 -15.24
CA SER A 12 -11.61 -0.89 -16.06
C SER A 12 -11.84 -0.04 -17.30
N VAL A 13 -10.78 0.58 -17.81
CA VAL A 13 -10.88 1.47 -18.96
C VAL A 13 -9.52 1.66 -19.63
N THR A 14 -9.51 1.59 -20.96
CA THR A 14 -8.32 1.75 -21.78
C THR A 14 -7.73 3.14 -21.66
N ILE A 15 -6.40 3.23 -21.66
CA ILE A 15 -5.75 4.53 -21.56
C ILE A 15 -6.17 5.39 -22.74
N GLY A 16 -6.63 6.60 -22.44
CA GLY A 16 -7.08 7.53 -23.46
C GLY A 16 -8.60 7.57 -23.55
N GLN A 17 -9.23 6.57 -22.94
CA GLN A 17 -10.68 6.44 -22.92
C GLN A 17 -11.31 7.14 -21.72
N PRO A 18 -12.45 7.83 -21.92
CA PRO A 18 -13.21 8.56 -20.90
C PRO A 18 -13.71 7.72 -19.74
N ALA A 19 -13.80 8.35 -18.57
CA ALA A 19 -14.26 7.65 -17.38
C ALA A 19 -15.01 8.58 -16.45
N SER A 20 -16.27 8.25 -16.19
CA SER A 20 -17.11 9.03 -15.30
C SER A 20 -17.39 8.15 -14.10
N ILE A 21 -17.49 8.79 -12.93
CA ILE A 21 -17.79 8.13 -11.65
C ILE A 21 -18.87 9.02 -11.04
N SER A 22 -19.93 8.41 -10.50
CA SER A 22 -21.01 9.18 -9.91
C SER A 22 -21.09 9.04 -8.39
N CYS A 23 -21.41 10.16 -7.74
CA CYS A 23 -21.55 10.21 -6.29
C CYS A 23 -22.92 10.84 -6.01
N LYS A 24 -23.74 10.13 -5.23
CA LYS A 24 -25.09 10.58 -4.90
C LYS A 24 -25.28 10.58 -3.40
N SER A 25 -25.77 11.71 -2.87
CA SER A 25 -26.03 11.87 -1.45
C SER A 25 -27.52 11.69 -1.12
N SER A 26 -27.82 11.28 0.11
CA SER A 26 -29.20 11.09 0.52
C SER A 26 -29.84 12.40 0.99
N GLN A 27 -29.09 13.50 0.84
CA GLN A 27 -29.51 14.84 1.24
C GLN A 27 -28.83 15.84 0.32
N SER A 28 -29.51 16.94 0.03
CA SER A 28 -28.98 17.98 -0.84
C SER A 28 -27.66 18.50 -0.25
N LEU A 29 -26.69 18.82 -1.09
CA LEU A 29 -25.43 19.33 -0.58
C LEU A 29 -25.34 20.84 -0.65
N LEU A 30 -26.42 21.49 -1.06
CA LEU A 30 -26.44 22.94 -1.13
C LEU A 30 -26.72 23.46 0.28
N ASP A 31 -25.81 24.29 0.77
CA ASP A 31 -25.87 24.89 2.11
C ASP A 31 -26.61 26.22 2.10
N SER A 32 -27.08 26.63 3.27
CA SER A 32 -27.81 27.88 3.44
C SER A 32 -26.93 29.05 3.02
N ASP A 33 -25.62 28.95 3.22
CA ASP A 33 -24.71 30.01 2.84
C ASP A 33 -24.66 30.15 1.32
N GLY A 34 -25.36 29.26 0.62
CA GLY A 34 -25.42 29.29 -0.83
C GLY A 34 -24.50 28.34 -1.59
N LYS A 35 -23.50 27.80 -0.91
CA LYS A 35 -22.55 26.89 -1.53
C LYS A 35 -22.93 25.42 -1.37
N THR A 36 -22.39 24.60 -2.27
CA THR A 36 -22.58 23.15 -2.24
C THR A 36 -21.19 22.60 -1.96
N TYR A 37 -21.04 21.84 -0.89
CA TYR A 37 -19.75 21.28 -0.51
C TYR A 37 -19.56 19.82 -0.88
N LEU A 38 -18.86 19.59 -1.99
CA LEU A 38 -18.58 18.24 -2.46
C LEU A 38 -17.20 18.27 -3.09
N ASN A 39 -16.31 17.41 -2.62
CA ASN A 39 -14.94 17.34 -3.16
C ASN A 39 -14.57 15.90 -3.52
N TRP A 40 -13.87 15.74 -4.63
CA TRP A 40 -13.44 14.44 -5.09
C TRP A 40 -11.97 14.26 -4.72
N LEU A 41 -11.69 13.13 -4.06
CA LEU A 41 -10.33 12.78 -3.65
C LEU A 41 -9.85 11.62 -4.51
N LEU A 42 -8.59 11.25 -4.36
CA LEU A 42 -7.98 10.14 -5.10
C LEU A 42 -6.92 9.51 -4.23
N GLN A 43 -6.97 8.19 -4.07
CA GLN A 43 -5.97 7.53 -3.27
C GLN A 43 -5.25 6.39 -4.00
N ARG A 44 -4.12 6.73 -4.60
CA ARG A 44 -3.30 5.76 -5.32
C ARG A 44 -2.72 4.80 -4.31
N PRO A 45 -2.40 3.57 -4.74
CA PRO A 45 -1.83 2.58 -3.80
C PRO A 45 -0.59 3.09 -3.06
N GLY A 46 -0.55 2.81 -1.76
CA GLY A 46 0.57 3.22 -0.95
C GLY A 46 0.46 4.63 -0.38
N GLN A 47 0.39 5.62 -1.27
CA GLN A 47 0.30 7.02 -0.88
C GLN A 47 -0.96 7.42 -0.11
N SER A 48 -1.01 8.69 0.30
CA SER A 48 -2.16 9.23 1.02
C SER A 48 -3.15 9.79 0.02
N PRO A 49 -4.39 10.09 0.48
CA PRO A 49 -5.41 10.63 -0.41
C PRO A 49 -4.98 12.02 -0.90
N LYS A 50 -5.46 12.40 -2.08
CA LYS A 50 -5.14 13.67 -2.68
C LYS A 50 -6.47 14.20 -3.16
N ARG A 51 -6.79 15.47 -2.89
CA ARG A 51 -8.05 16.00 -3.39
C ARG A 51 -7.79 16.54 -4.77
N LEU A 52 -8.66 16.20 -5.71
CA LEU A 52 -8.50 16.65 -7.08
C LEU A 52 -9.44 17.82 -7.35
N ILE A 53 -10.67 17.68 -6.88
CA ILE A 53 -11.67 18.69 -7.12
C ILE A 53 -12.35 19.07 -5.81
N TYR A 54 -12.84 20.30 -5.76
CA TYR A 54 -13.54 20.82 -4.59
C TYR A 54 -14.65 21.75 -5.05
N LEU A 55 -15.66 21.91 -4.21
CA LEU A 55 -16.81 22.76 -4.55
C LEU A 55 -17.41 22.28 -5.86
N VAL A 56 -17.56 20.96 -5.96
CA VAL A 56 -18.14 20.24 -7.10
C VAL A 56 -17.47 20.36 -8.46
N SER A 57 -16.89 21.52 -8.77
CA SER A 57 -16.28 21.75 -10.08
C SER A 57 -14.94 22.44 -10.08
N LYS A 58 -14.54 23.00 -8.95
CA LYS A 58 -13.26 23.67 -8.89
C LYS A 58 -12.14 22.66 -8.79
N LEU A 59 -11.05 22.96 -9.49
CA LEU A 59 -9.89 22.09 -9.51
C LEU A 59 -8.79 22.59 -8.59
N ASP A 60 -8.13 21.66 -7.89
CA ASP A 60 -7.03 22.02 -7.01
C ASP A 60 -5.78 22.33 -7.84
N SER A 61 -4.82 23.00 -7.24
CA SER A 61 -3.59 23.35 -7.95
C SER A 61 -2.82 22.09 -8.34
N GLY A 62 -2.24 22.12 -9.53
CA GLY A 62 -1.48 20.99 -10.02
C GLY A 62 -2.37 19.87 -10.56
N VAL A 63 -3.62 19.81 -10.11
CA VAL A 63 -4.57 18.80 -10.57
C VAL A 63 -4.81 19.00 -12.07
N PRO A 64 -4.36 18.04 -12.90
CA PRO A 64 -4.51 18.09 -14.36
C PRO A 64 -5.95 18.39 -14.80
N ASP A 65 -6.08 19.25 -15.79
CA ASP A 65 -7.40 19.63 -16.26
C ASP A 65 -8.15 18.57 -17.07
N ARG A 66 -7.79 17.29 -16.91
CA ARG A 66 -8.52 16.25 -17.63
C ARG A 66 -9.72 15.82 -16.77
N PHE A 67 -9.80 16.41 -15.58
CA PHE A 67 -10.87 16.10 -14.65
C PHE A 67 -11.96 17.16 -14.69
N THR A 68 -13.21 16.72 -14.73
CA THR A 68 -14.35 17.62 -14.77
C THR A 68 -15.29 17.32 -13.61
N GLY A 69 -15.62 18.36 -12.85
CA GLY A 69 -16.50 18.15 -11.73
C GLY A 69 -17.82 18.78 -12.09
N SER A 70 -18.91 18.09 -11.78
CA SER A 70 -20.21 18.62 -12.07
C SER A 70 -21.19 17.95 -11.14
N GLY A 71 -22.39 18.51 -11.06
CA GLY A 71 -23.41 17.96 -10.21
C GLY A 71 -24.09 19.07 -9.45
N SER A 72 -25.13 18.73 -8.72
CA SER A 72 -25.87 19.71 -7.95
C SER A 72 -26.85 19.02 -7.02
N GLY A 73 -26.93 19.50 -5.80
CA GLY A 73 -27.86 18.93 -4.83
C GLY A 73 -27.42 17.58 -4.33
N THR A 74 -27.96 16.51 -4.91
CA THR A 74 -27.62 15.15 -4.51
C THR A 74 -26.89 14.36 -5.61
N ASP A 75 -26.96 14.84 -6.86
CA ASP A 75 -26.31 14.15 -7.97
C ASP A 75 -25.09 14.86 -8.51
N PHE A 76 -23.92 14.28 -8.25
CA PHE A 76 -22.63 14.80 -8.70
C PHE A 76 -21.93 13.74 -9.52
N THR A 77 -21.10 14.19 -10.45
CA THR A 77 -20.36 13.32 -11.35
C THR A 77 -18.93 13.82 -11.62
N LEU A 78 -17.99 12.87 -11.59
CA LEU A 78 -16.57 13.12 -11.89
C LEU A 78 -16.35 12.59 -13.31
N LYS A 79 -15.42 13.20 -14.03
CA LYS A 79 -15.17 12.80 -15.39
C LYS A 79 -13.71 13.04 -15.79
N ILE A 80 -13.05 11.98 -16.21
CA ILE A 80 -11.67 12.07 -16.69
C ILE A 80 -11.85 11.94 -18.21
N SER A 81 -11.43 12.97 -18.95
CA SER A 81 -11.54 12.96 -20.40
C SER A 81 -10.82 11.78 -21.04
N ARG A 82 -9.51 11.68 -20.78
CA ARG A 82 -8.71 10.57 -21.28
C ARG A 82 -7.88 10.04 -20.12
N VAL A 83 -8.14 8.81 -19.73
CA VAL A 83 -7.40 8.26 -18.60
C VAL A 83 -5.96 7.92 -18.95
N GLU A 84 -5.03 8.29 -18.08
CA GLU A 84 -3.63 7.99 -18.28
C GLU A 84 -3.20 6.93 -17.28
N ALA A 85 -2.00 6.42 -17.45
CA ALA A 85 -1.46 5.40 -16.58
C ALA A 85 -1.41 5.83 -15.10
N GLU A 86 -1.32 7.14 -14.86
CA GLU A 86 -1.26 7.61 -13.48
C GLU A 86 -2.59 7.90 -12.79
N ASP A 87 -3.70 7.57 -13.43
CA ASP A 87 -5.01 7.81 -12.82
C ASP A 87 -5.43 6.68 -11.89
N LEU A 88 -4.69 5.59 -11.92
CA LEU A 88 -5.03 4.43 -11.11
C LEU A 88 -5.10 4.73 -9.61
N GLY A 89 -6.01 4.03 -8.95
CA GLY A 89 -6.20 4.19 -7.52
C GLY A 89 -7.69 4.18 -7.27
N VAL A 90 -8.10 4.44 -6.02
CA VAL A 90 -9.50 4.49 -5.67
C VAL A 90 -9.94 5.94 -5.49
N TYR A 91 -11.11 6.29 -6.00
CA TYR A 91 -11.65 7.64 -5.89
C TYR A 91 -12.77 7.67 -4.85
N TYR A 92 -12.75 8.70 -4.00
CA TYR A 92 -13.74 8.88 -2.95
C TYR A 92 -14.40 10.24 -3.14
N CYS A 93 -15.56 10.42 -2.53
CA CYS A 93 -16.28 11.69 -2.59
C CYS A 93 -16.75 12.01 -1.18
N TRP A 94 -16.55 13.25 -0.73
CA TRP A 94 -17.05 13.61 0.58
C TRP A 94 -17.86 14.88 0.55
N GLN A 95 -18.73 15.03 1.54
CA GLN A 95 -19.60 16.18 1.67
C GLN A 95 -19.32 16.92 2.96
N GLY A 96 -19.22 18.24 2.87
CA GLY A 96 -18.96 19.05 4.04
C GLY A 96 -20.06 20.06 4.35
N THR A 97 -21.31 19.65 4.17
CA THR A 97 -22.44 20.51 4.43
C THR A 97 -23.09 20.07 5.74
N HIS A 98 -23.20 18.76 5.91
CA HIS A 98 -23.82 18.18 7.10
C HIS A 98 -22.67 17.69 7.96
N PHE A 99 -22.85 17.57 9.27
CA PHE A 99 -21.71 17.23 10.09
C PHE A 99 -20.94 15.91 10.11
N PRO A 100 -21.59 14.74 9.99
CA PRO A 100 -20.70 13.58 10.03
C PRO A 100 -19.69 13.56 8.86
N ARG A 101 -19.66 14.63 8.06
CA ARG A 101 -18.73 14.78 6.94
C ARG A 101 -18.42 13.42 6.32
N THR A 102 -19.48 12.75 5.90
CA THR A 102 -19.41 11.44 5.29
C THR A 102 -18.57 11.29 4.03
N PHE A 103 -18.27 10.04 3.68
CA PHE A 103 -17.47 9.70 2.51
C PHE A 103 -18.19 8.69 1.62
N GLY A 104 -17.90 8.73 0.33
CA GLY A 104 -18.47 7.79 -0.59
C GLY A 104 -17.67 6.54 -0.31
N GLY A 105 -18.15 5.38 -0.76
CA GLY A 105 -17.44 4.13 -0.50
C GLY A 105 -16.17 3.82 -1.29
N GLY A 106 -15.98 4.51 -2.41
CA GLY A 106 -14.80 4.27 -3.21
C GLY A 106 -15.19 3.69 -4.56
N THR A 107 -14.34 3.93 -5.55
CA THR A 107 -14.53 3.44 -6.91
C THR A 107 -13.16 3.06 -7.45
N LYS A 108 -12.87 1.76 -7.49
CA LYS A 108 -11.59 1.30 -7.99
C LYS A 108 -11.47 1.53 -9.50
N LEU A 109 -10.37 2.13 -9.94
CA LEU A 109 -10.14 2.38 -11.36
C LEU A 109 -9.00 1.48 -11.82
N GLU A 110 -9.30 0.50 -12.65
CA GLU A 110 -8.28 -0.43 -13.15
C GLU A 110 -8.03 -0.21 -14.65
N ILE A 111 -6.80 0.15 -14.98
CA ILE A 111 -6.43 0.44 -16.36
C ILE A 111 -6.25 -0.79 -17.24
N LYS A 112 -7.04 -0.88 -18.31
CA LYS A 112 -6.96 -2.00 -19.26
C LYS A 112 -5.83 -1.75 -20.23
N ARG A 113 -4.93 -2.71 -20.30
CA ARG A 113 -3.79 -2.66 -21.22
C ARG A 113 -3.74 -4.09 -21.81
N ALA A 114 -2.95 -4.31 -22.85
CA ALA A 114 -2.90 -5.67 -23.39
C ALA A 114 -2.35 -6.64 -22.36
N ASP A 115 -2.50 -7.92 -22.68
CA ASP A 115 -2.05 -8.98 -21.80
C ASP A 115 -0.51 -8.99 -21.81
N ALA A 116 0.06 -9.52 -20.74
CA ALA A 116 1.49 -9.60 -20.60
C ALA A 116 1.78 -10.81 -19.71
N ALA A 117 2.80 -11.57 -20.11
CA ALA A 117 3.20 -12.77 -19.39
C ALA A 117 4.13 -12.43 -18.24
N PRO A 118 4.12 -13.25 -17.17
CA PRO A 118 5.01 -12.98 -16.04
C PRO A 118 6.47 -13.22 -16.39
N THR A 119 7.35 -12.50 -15.70
CA THR A 119 8.78 -12.62 -15.89
C THR A 119 9.19 -13.28 -14.58
N VAL A 120 9.10 -14.62 -14.61
CA VAL A 120 9.39 -15.47 -13.48
C VAL A 120 10.89 -15.59 -13.17
N SER A 121 11.22 -15.52 -11.88
CA SER A 121 12.57 -15.60 -11.39
C SER A 121 12.53 -16.50 -10.18
N ILE A 122 13.53 -17.37 -10.05
CA ILE A 122 13.58 -18.31 -8.93
C ILE A 122 14.77 -18.00 -8.02
N PHE A 123 14.57 -18.10 -6.71
CA PHE A 123 15.62 -17.81 -5.72
C PHE A 123 15.68 -18.88 -4.64
N PRO A 124 16.88 -19.45 -4.43
CA PRO A 124 17.17 -20.50 -3.44
C PRO A 124 17.43 -19.87 -2.07
N PRO A 125 17.24 -20.65 -0.99
CA PRO A 125 17.46 -20.15 0.37
C PRO A 125 18.91 -19.69 0.58
N SER A 126 19.08 -18.45 0.99
CA SER A 126 20.40 -17.89 1.24
C SER A 126 20.98 -18.57 2.48
N SER A 127 22.25 -18.95 2.41
CA SER A 127 22.94 -19.62 3.51
C SER A 127 22.63 -19.02 4.88
N GLU A 128 22.62 -17.70 4.98
CA GLU A 128 22.31 -17.02 6.25
C GLU A 128 20.97 -17.50 6.80
N GLN A 129 19.96 -17.61 5.93
CA GLN A 129 18.68 -18.11 6.41
C GLN A 129 18.83 -19.57 6.81
N LEU A 130 19.62 -20.32 6.04
CA LEU A 130 19.86 -21.74 6.30
C LEU A 130 20.40 -22.01 7.69
N THR A 131 21.18 -21.06 8.22
CA THR A 131 21.74 -21.18 9.55
C THR A 131 20.65 -21.18 10.63
N SER A 132 19.41 -20.84 10.23
CA SER A 132 18.29 -20.84 11.16
C SER A 132 17.57 -22.20 11.06
N GLY A 133 16.34 -22.27 11.55
CA GLY A 133 15.60 -23.52 11.52
C GLY A 133 14.96 -23.88 10.18
N GLY A 134 14.87 -22.91 9.28
CA GLY A 134 14.24 -23.19 7.99
C GLY A 134 14.97 -22.75 6.74
N ALA A 135 14.22 -22.75 5.64
CA ALA A 135 14.72 -22.37 4.34
C ALA A 135 13.50 -21.96 3.52
N SER A 136 13.58 -20.82 2.86
CA SER A 136 12.47 -20.32 2.04
C SER A 136 12.88 -20.18 0.59
N VAL A 137 12.13 -20.80 -0.31
CA VAL A 137 12.39 -20.69 -1.73
C VAL A 137 11.36 -19.65 -2.21
N VAL A 138 11.83 -18.58 -2.81
CA VAL A 138 10.98 -17.50 -3.29
C VAL A 138 10.94 -17.46 -4.80
N CYS A 139 9.76 -17.19 -5.34
CA CYS A 139 9.58 -17.10 -6.78
C CYS A 139 8.90 -15.77 -7.08
N PHE A 140 9.49 -15.00 -7.99
CA PHE A 140 8.95 -13.71 -8.39
C PHE A 140 8.34 -13.81 -9.79
N LEU A 141 7.01 -13.74 -9.88
CA LEU A 141 6.30 -13.82 -11.16
C LEU A 141 5.83 -12.41 -11.47
N ASN A 142 6.71 -11.54 -11.98
CA ASN A 142 6.26 -10.17 -12.21
C ASN A 142 6.07 -9.60 -13.61
N ASN A 143 5.26 -8.55 -13.68
CA ASN A 143 4.95 -7.82 -14.91
C ASN A 143 3.91 -8.39 -15.87
N PHE A 144 3.09 -9.30 -15.39
CA PHE A 144 2.03 -9.90 -16.22
C PHE A 144 0.83 -8.96 -16.12
N TYR A 145 0.02 -8.86 -17.16
CA TYR A 145 -1.10 -7.95 -17.04
C TYR A 145 -2.30 -8.48 -16.26
N PRO A 146 -3.08 -9.42 -16.85
CA PRO A 146 -4.23 -9.88 -16.06
C PRO A 146 -3.76 -10.35 -14.70
N LYS A 147 -4.28 -9.71 -13.65
CA LYS A 147 -3.89 -10.03 -12.27
C LYS A 147 -3.96 -11.50 -11.93
N ASP A 148 -4.96 -12.18 -12.48
CA ASP A 148 -5.15 -13.60 -12.21
C ASP A 148 -4.02 -14.43 -12.78
N ILE A 149 -3.42 -15.21 -11.89
CA ILE A 149 -2.34 -16.10 -12.25
C ILE A 149 -2.34 -17.12 -11.13
N ASN A 150 -1.64 -18.22 -11.35
CA ASN A 150 -1.53 -19.23 -10.30
C ASN A 150 -0.19 -19.94 -10.46
N VAL A 151 0.54 -19.96 -9.36
CA VAL A 151 1.85 -20.60 -9.29
C VAL A 151 1.69 -21.85 -8.46
N LYS A 152 2.23 -22.96 -8.95
CA LYS A 152 2.18 -24.21 -8.21
C LYS A 152 3.63 -24.64 -8.05
N TRP A 153 3.99 -25.05 -6.84
CA TRP A 153 5.35 -25.48 -6.58
C TRP A 153 5.45 -26.95 -6.83
N LYS A 154 6.69 -27.45 -6.85
CA LYS A 154 6.97 -28.86 -7.07
C LYS A 154 8.30 -29.12 -6.39
N ILE A 155 8.40 -30.24 -5.72
CA ILE A 155 9.66 -30.61 -5.10
C ILE A 155 9.96 -32.03 -5.60
N ASP A 156 10.89 -32.13 -6.53
CA ASP A 156 11.27 -33.42 -7.13
C ASP A 156 10.03 -34.00 -7.85
N GLY A 157 9.29 -33.11 -8.50
CA GLY A 157 8.09 -33.52 -9.22
C GLY A 157 6.84 -33.51 -8.36
N SER A 158 6.98 -33.86 -7.08
CA SER A 158 5.82 -33.87 -6.19
C SER A 158 5.42 -32.47 -5.77
N GLU A 159 4.37 -31.99 -6.41
CA GLU A 159 3.81 -30.68 -6.17
C GLU A 159 3.63 -30.30 -4.71
N ARG A 160 4.04 -29.08 -4.37
CA ARG A 160 3.89 -28.55 -3.02
C ARG A 160 2.81 -27.48 -2.99
N GLN A 161 1.89 -27.66 -2.04
CA GLN A 161 0.74 -26.78 -1.86
C GLN A 161 0.59 -26.36 -0.40
N ASN A 162 1.59 -26.69 0.41
CA ASN A 162 1.59 -26.36 1.82
C ASN A 162 2.88 -25.61 2.11
N GLY A 163 2.82 -24.60 2.96
CA GLY A 163 4.00 -23.83 3.28
C GLY A 163 4.33 -22.80 2.20
N VAL A 164 3.31 -22.42 1.43
CA VAL A 164 3.46 -21.45 0.35
C VAL A 164 2.64 -20.22 0.70
N LEU A 165 3.22 -19.04 0.49
CA LEU A 165 2.56 -17.78 0.75
C LEU A 165 2.73 -16.87 -0.46
N ASN A 166 1.62 -16.57 -1.12
CA ASN A 166 1.64 -15.72 -2.31
C ASN A 166 1.30 -14.28 -1.92
N SER A 167 1.66 -13.33 -2.77
CA SER A 167 1.40 -11.92 -2.51
C SER A 167 1.39 -11.08 -3.80
N TRP A 168 0.29 -10.39 -4.04
CA TRP A 168 0.13 -9.54 -5.22
C TRP A 168 0.52 -8.11 -4.97
N THR A 169 0.95 -7.45 -6.04
CA THR A 169 1.41 -6.07 -5.97
C THR A 169 0.36 -4.94 -6.12
N ASP A 170 -0.69 -5.16 -6.91
CA ASP A 170 -1.73 -4.15 -7.20
C ASP A 170 -1.17 -3.28 -8.34
N GLN A 171 -1.99 -2.96 -9.33
CA GLN A 171 -1.55 -2.21 -10.51
C GLN A 171 -0.49 -1.14 -10.42
N ASP A 172 0.56 -1.31 -11.20
CA ASP A 172 1.72 -0.40 -11.27
C ASP A 172 1.41 0.86 -12.09
N SER A 173 1.56 2.02 -11.44
CA SER A 173 1.30 3.33 -12.06
C SER A 173 1.98 3.58 -13.40
N LYS A 174 2.99 2.76 -13.70
CA LYS A 174 3.74 2.86 -14.94
C LYS A 174 3.72 1.44 -15.46
N ASP A 175 3.57 1.27 -16.76
CA ASP A 175 3.54 -0.06 -17.35
C ASP A 175 2.26 -0.85 -16.94
N SER A 176 1.46 -0.26 -16.06
CA SER A 176 0.17 -0.78 -15.57
C SER A 176 -0.09 -2.28 -15.45
N THR A 177 0.95 -3.05 -15.18
CA THR A 177 0.77 -4.49 -15.06
C THR A 177 0.68 -4.90 -13.60
N TYR A 178 0.75 -6.20 -13.34
CA TYR A 178 0.70 -6.70 -11.98
C TYR A 178 1.95 -7.48 -11.62
N SER A 179 2.01 -7.94 -10.37
CA SER A 179 3.14 -8.70 -9.88
C SER A 179 2.72 -9.54 -8.70
N MET A 180 3.49 -10.58 -8.43
CA MET A 180 3.20 -11.50 -7.35
C MET A 180 4.50 -12.22 -6.99
N SER A 181 4.54 -12.79 -5.79
CA SER A 181 5.70 -13.54 -5.32
C SER A 181 5.17 -14.72 -4.49
N SER A 182 5.78 -15.89 -4.67
CA SER A 182 5.35 -17.07 -3.92
C SER A 182 6.54 -17.61 -3.21
N THR A 183 6.39 -17.85 -1.91
CA THR A 183 7.50 -18.36 -1.12
C THR A 183 7.18 -19.70 -0.48
N LEU A 184 7.82 -20.76 -0.95
CA LEU A 184 7.61 -22.06 -0.34
C LEU A 184 8.65 -21.99 0.76
N THR A 185 8.35 -22.57 1.91
CA THR A 185 9.27 -22.53 3.04
C THR A 185 9.26 -23.90 3.71
N LEU A 186 10.44 -24.46 3.90
CA LEU A 186 10.58 -25.78 4.51
C LEU A 186 11.48 -25.69 5.75
N THR A 187 11.85 -26.84 6.28
CA THR A 187 12.76 -26.93 7.42
C THR A 187 14.13 -27.08 6.78
N LYS A 188 15.16 -26.43 7.33
CA LYS A 188 16.51 -26.50 6.76
C LYS A 188 16.83 -27.88 6.20
N ASP A 189 16.66 -28.91 7.04
CA ASP A 189 16.94 -30.27 6.61
C ASP A 189 15.99 -30.76 5.52
N GLU A 190 14.69 -30.55 5.69
CA GLU A 190 13.74 -30.98 4.68
C GLU A 190 14.06 -30.32 3.32
N TYR A 191 14.83 -29.24 3.37
CA TYR A 191 15.22 -28.51 2.17
C TYR A 191 16.34 -29.25 1.43
N GLU A 192 17.53 -29.25 2.03
CA GLU A 192 18.67 -29.92 1.39
C GLU A 192 18.51 -31.42 1.33
N ARG A 193 17.29 -31.88 1.62
CA ARG A 193 16.95 -33.29 1.57
C ARG A 193 16.44 -33.60 0.16
N HIS A 194 16.26 -32.56 -0.66
CA HIS A 194 15.77 -32.70 -2.04
C HIS A 194 16.73 -32.11 -3.07
N ASN A 195 16.32 -32.06 -4.34
CA ASN A 195 17.23 -31.55 -5.36
C ASN A 195 16.68 -30.45 -6.27
N SER A 196 15.57 -30.72 -6.95
CA SER A 196 14.99 -29.73 -7.85
C SER A 196 13.79 -29.04 -7.25
N TYR A 197 13.76 -27.72 -7.39
CA TYR A 197 12.66 -26.92 -6.87
C TYR A 197 12.04 -26.25 -8.06
N THR A 198 10.74 -26.46 -8.24
CA THR A 198 10.05 -25.91 -9.38
C THR A 198 8.92 -24.94 -9.06
N CYS A 199 8.99 -23.79 -9.73
CA CYS A 199 7.98 -22.75 -9.62
C CYS A 199 7.42 -22.69 -11.03
N GLU A 200 6.11 -22.82 -11.16
CA GLU A 200 5.48 -22.74 -12.48
C GLU A 200 4.14 -21.98 -12.49
N ALA A 201 4.08 -20.93 -13.32
CA ALA A 201 2.91 -20.07 -13.42
C ALA A 201 2.05 -20.23 -14.68
N THR A 202 0.77 -20.52 -14.48
CA THR A 202 -0.13 -20.66 -15.60
C THR A 202 -0.93 -19.35 -15.75
N HIS A 203 -0.67 -18.64 -16.84
CA HIS A 203 -1.31 -17.36 -17.18
C HIS A 203 -2.04 -17.59 -18.51
N LYS A 204 -2.87 -16.64 -18.92
CA LYS A 204 -3.63 -16.76 -20.16
C LYS A 204 -2.85 -16.57 -21.47
N THR A 205 -1.62 -16.04 -21.39
CA THR A 205 -0.83 -15.83 -22.60
C THR A 205 -0.42 -17.12 -23.35
N SER A 206 -0.45 -18.27 -22.66
CA SER A 206 -0.08 -19.56 -23.25
C SER A 206 -0.97 -20.68 -22.72
N THR A 207 -0.83 -21.88 -23.28
CA THR A 207 -1.63 -23.03 -22.86
C THR A 207 -0.81 -23.93 -21.93
N SER A 208 0.50 -23.76 -21.99
CA SER A 208 1.41 -24.51 -21.16
C SER A 208 1.97 -23.51 -20.16
N PRO A 209 2.14 -23.92 -18.90
CA PRO A 209 2.66 -23.08 -17.82
C PRO A 209 4.07 -22.57 -18.04
N ILE A 210 4.42 -21.52 -17.30
CA ILE A 210 5.74 -20.93 -17.37
C ILE A 210 6.48 -21.63 -16.23
N VAL A 211 7.58 -22.32 -16.53
CA VAL A 211 8.32 -23.03 -15.50
C VAL A 211 9.75 -22.51 -15.25
N LYS A 212 10.04 -22.21 -14.00
CA LYS A 212 11.37 -21.75 -13.61
C LYS A 212 11.77 -22.65 -12.43
N SER A 213 12.94 -23.28 -12.52
CA SER A 213 13.37 -24.16 -11.45
C SER A 213 14.87 -24.17 -11.28
N PHE A 214 15.34 -24.86 -10.25
CA PHE A 214 16.77 -24.97 -9.99
C PHE A 214 17.12 -26.31 -9.32
N ASN A 215 18.36 -26.73 -9.53
CA ASN A 215 18.89 -27.97 -8.99
C ASN A 215 20.02 -27.69 -8.01
N ARG A 216 19.94 -28.26 -6.82
CA ARG A 216 20.97 -28.07 -5.81
C ARG A 216 22.31 -28.65 -6.23
N ASN A 217 22.30 -29.53 -7.23
CA ASN A 217 23.53 -30.14 -7.71
C ASN A 217 24.32 -29.30 -8.73
N GLU A 218 23.68 -28.29 -9.30
CA GLU A 218 24.35 -27.41 -10.27
C GLU A 218 23.77 -25.98 -10.31
N CYS A 219 24.69 -25.01 -10.37
CA CYS A 219 24.37 -23.59 -10.42
C CYS A 219 23.78 -23.20 -11.76
N GLN B 1 6.45 25.56 2.49
CA GLN B 1 6.01 24.13 2.51
C GLN B 1 4.67 24.04 3.21
N VAL B 2 3.99 22.90 3.09
CA VAL B 2 2.71 22.66 3.74
C VAL B 2 2.56 21.15 3.84
N LYS B 3 2.65 20.62 5.06
CA LYS B 3 2.51 19.19 5.27
C LYS B 3 2.26 18.83 6.73
N LEU B 4 1.33 17.90 6.94
CA LEU B 4 1.00 17.44 8.27
C LEU B 4 1.73 16.13 8.58
N GLN B 5 2.84 16.23 9.30
CA GLN B 5 3.59 15.04 9.67
C GLN B 5 3.03 14.54 10.99
N GLN B 6 2.73 13.25 11.07
CA GLN B 6 2.16 12.69 12.30
C GLN B 6 3.04 11.66 13.00
N SER B 7 2.74 11.41 14.26
CA SER B 7 3.48 10.43 15.05
C SER B 7 2.60 9.77 16.12
N GLY B 8 2.81 8.47 16.32
CA GLY B 8 2.04 7.74 17.30
C GLY B 8 2.50 6.29 17.31
N PRO B 9 1.99 5.48 18.25
CA PRO B 9 2.36 4.07 18.35
C PRO B 9 1.76 3.20 17.22
N GLY B 10 2.55 2.26 16.73
CA GLY B 10 2.10 1.37 15.69
C GLY B 10 1.41 0.15 16.27
N LEU B 11 1.68 -0.13 17.54
CA LEU B 11 1.10 -1.27 18.25
C LEU B 11 0.44 -0.79 19.55
N VAL B 12 -0.68 -1.44 19.90
CA VAL B 12 -1.43 -1.10 21.11
C VAL B 12 -2.03 -2.41 21.64
N GLN B 13 -2.22 -2.50 22.94
CA GLN B 13 -2.81 -3.69 23.55
C GLN B 13 -4.27 -3.35 23.78
N PRO B 14 -5.18 -4.33 23.63
CA PRO B 14 -6.62 -4.09 23.83
C PRO B 14 -6.90 -3.28 25.08
N SER B 15 -7.83 -2.33 24.93
CA SER B 15 -8.25 -1.41 25.99
C SER B 15 -7.33 -0.19 26.10
N GLN B 16 -6.03 -0.40 25.90
CA GLN B 16 -5.04 0.66 25.98
C GLN B 16 -5.39 1.83 25.04
N SER B 17 -5.04 3.05 25.46
CA SER B 17 -5.33 4.27 24.69
C SER B 17 -4.38 4.47 23.51
N LEU B 18 -4.77 5.35 22.60
CA LEU B 18 -3.97 5.67 21.42
C LEU B 18 -3.87 7.19 21.35
N SER B 19 -2.67 7.69 21.13
CA SER B 19 -2.47 9.12 21.06
C SER B 19 -1.58 9.41 19.86
N ILE B 20 -2.06 10.23 18.95
CA ILE B 20 -1.31 10.58 17.75
C ILE B 20 -1.14 12.09 17.73
N THR B 21 0.07 12.54 17.41
CA THR B 21 0.37 13.96 17.35
C THR B 21 0.58 14.39 15.90
N CYS B 22 -0.28 15.28 15.43
CA CYS B 22 -0.18 15.80 14.08
C CYS B 22 0.54 17.13 14.20
N THR B 23 1.71 17.23 13.59
CA THR B 23 2.49 18.46 13.62
C THR B 23 2.37 19.03 12.22
N VAL B 24 1.49 20.02 12.09
CA VAL B 24 1.26 20.65 10.81
C VAL B 24 2.35 21.68 10.59
N SER B 25 2.47 22.15 9.35
CA SER B 25 3.47 23.15 8.99
C SER B 25 3.03 23.76 7.67
N GLY B 26 3.37 25.01 7.44
CA GLY B 26 2.99 25.66 6.20
C GLY B 26 1.72 26.49 6.26
N PHE B 27 0.98 26.38 7.36
CA PHE B 27 -0.25 27.16 7.53
C PHE B 27 -0.49 27.45 9.01
N SER B 28 -1.64 28.04 9.33
CA SER B 28 -1.98 28.43 10.69
C SER B 28 -3.16 27.67 11.33
N LEU B 29 -2.91 27.12 12.53
CA LEU B 29 -3.95 26.39 13.24
C LEU B 29 -5.06 27.30 13.77
N THR B 30 -4.84 28.60 13.67
CA THR B 30 -5.85 29.54 14.10
C THR B 30 -6.70 29.90 12.90
N CYS B 31 -6.37 29.32 11.75
CA CYS B 31 -7.06 29.60 10.50
C CYS B 31 -7.60 28.35 9.80
N TYR B 32 -7.18 27.17 10.24
CA TYR B 32 -7.62 25.94 9.63
C TYR B 32 -7.91 24.83 10.63
N GLY B 33 -8.98 24.10 10.38
CA GLY B 33 -9.37 22.99 11.22
C GLY B 33 -8.61 21.78 10.74
N VAL B 34 -8.42 20.80 11.61
CA VAL B 34 -7.71 19.58 11.26
C VAL B 34 -8.63 18.40 11.48
N HIS B 35 -8.79 17.60 10.43
CA HIS B 35 -9.65 16.44 10.47
C HIS B 35 -8.86 15.19 10.80
N TRP B 36 -9.54 14.26 11.46
CA TRP B 36 -8.98 12.99 11.84
C TRP B 36 -9.95 11.98 11.28
N VAL B 37 -9.47 11.22 10.30
CA VAL B 37 -10.25 10.17 9.66
C VAL B 37 -9.31 8.97 9.72
N ARG B 38 -9.87 7.77 9.73
CA ARG B 38 -9.01 6.58 9.77
C ARG B 38 -9.39 5.71 8.60
N GLN B 39 -8.64 4.64 8.37
CA GLN B 39 -8.96 3.77 7.25
C GLN B 39 -8.83 2.29 7.56
N SER B 40 -9.93 1.70 8.02
CA SER B 40 -9.98 0.29 8.34
C SER B 40 -9.64 -0.50 7.08
N PRO B 41 -8.61 -1.36 7.17
CA PRO B 41 -8.15 -2.20 6.05
C PRO B 41 -9.32 -2.82 5.30
N GLY B 42 -9.39 -2.52 4.01
CA GLY B 42 -10.45 -3.03 3.18
C GLY B 42 -11.67 -2.12 3.18
N LYS B 43 -12.12 -1.73 4.37
CA LYS B 43 -13.29 -0.86 4.54
C LYS B 43 -13.15 0.48 3.78
N GLY B 44 -12.52 1.46 4.41
CA GLY B 44 -12.36 2.73 3.75
C GLY B 44 -12.26 3.90 4.71
N LEU B 45 -12.17 5.10 4.14
CA LEU B 45 -12.08 6.35 4.88
C LEU B 45 -13.33 6.59 5.75
N GLU B 46 -13.13 6.55 7.06
CA GLU B 46 -14.21 6.78 8.00
C GLU B 46 -13.79 8.06 8.69
N TRP B 47 -14.74 8.96 8.90
CA TRP B 47 -14.44 10.23 9.55
C TRP B 47 -14.62 10.06 11.07
N LEU B 48 -13.61 10.48 11.83
CA LEU B 48 -13.64 10.38 13.28
C LEU B 48 -13.89 11.70 14.01
N GLY B 49 -13.32 12.80 13.51
CA GLY B 49 -13.53 14.07 14.17
C GLY B 49 -12.78 15.24 13.61
N VAL B 50 -12.97 16.41 14.22
CA VAL B 50 -12.32 17.64 13.80
C VAL B 50 -12.26 18.70 14.91
N ILE B 51 -11.22 19.53 14.87
CA ILE B 51 -11.07 20.62 15.81
C ILE B 51 -10.91 21.85 14.91
N TRP B 52 -11.83 22.80 15.03
CA TRP B 52 -11.79 23.99 14.20
C TRP B 52 -10.84 25.04 14.77
N SER B 53 -10.47 26.01 13.95
CA SER B 53 -9.56 27.08 14.34
C SER B 53 -9.96 27.75 15.67
N GLY B 54 -11.25 27.73 15.97
CA GLY B 54 -11.75 28.31 17.20
C GLY B 54 -11.69 27.31 18.35
N GLY B 55 -10.85 26.28 18.21
CA GLY B 55 -10.73 25.27 19.25
C GLY B 55 -11.96 24.40 19.45
N ASP B 56 -13.05 24.71 18.76
CA ASP B 56 -14.28 23.94 18.90
C ASP B 56 -14.23 22.67 18.06
N THR B 57 -14.62 21.56 18.66
CA THR B 57 -14.59 20.28 17.95
C THR B 57 -15.96 19.71 17.58
N ASP B 58 -15.94 18.76 16.64
CA ASP B 58 -17.13 18.04 16.19
C ASP B 58 -16.68 16.60 15.98
N TYR B 59 -17.38 15.68 16.64
CA TYR B 59 -17.03 14.27 16.60
C TYR B 59 -18.06 13.40 15.90
N ASN B 60 -17.62 12.20 15.54
CA ASN B 60 -18.48 11.23 14.90
C ASN B 60 -19.20 10.55 16.05
N ALA B 61 -20.52 10.55 16.01
CA ALA B 61 -21.34 9.94 17.05
C ALA B 61 -20.79 8.60 17.51
N ALA B 62 -20.44 7.75 16.56
CA ALA B 62 -19.91 6.43 16.87
C ALA B 62 -18.64 6.40 17.72
N PHE B 63 -17.89 7.51 17.73
CA PHE B 63 -16.63 7.58 18.50
C PHE B 63 -16.56 8.58 19.63
N ILE B 64 -17.46 9.56 19.61
CA ILE B 64 -17.50 10.63 20.61
C ILE B 64 -17.17 10.17 22.03
N SER B 65 -17.82 9.08 22.46
CA SER B 65 -17.64 8.52 23.78
C SER B 65 -16.19 8.25 24.21
N ARG B 66 -15.31 8.04 23.25
CA ARG B 66 -13.91 7.76 23.57
C ARG B 66 -12.87 8.51 22.77
N LEU B 67 -13.23 9.68 22.24
CA LEU B 67 -12.30 10.48 21.47
C LEU B 67 -12.02 11.83 22.15
N SER B 68 -10.77 12.27 22.09
CA SER B 68 -10.37 13.54 22.70
C SER B 68 -9.38 14.29 21.80
N ILE B 69 -9.92 15.18 20.98
CA ILE B 69 -9.06 15.96 20.09
C ILE B 69 -8.77 17.30 20.73
N THR B 70 -7.48 17.59 20.87
CA THR B 70 -7.00 18.82 21.46
C THR B 70 -5.90 19.33 20.54
N LYS B 71 -5.35 20.50 20.82
CA LYS B 71 -4.31 21.06 19.95
C LYS B 71 -3.56 22.15 20.69
N ASP B 72 -2.55 22.70 20.05
CA ASP B 72 -1.76 23.79 20.63
C ASP B 72 -1.49 24.76 19.49
N ASN B 73 -2.33 25.80 19.41
CA ASN B 73 -2.25 26.80 18.35
C ASN B 73 -0.83 27.24 18.02
N SER B 74 -0.07 27.58 19.06
CA SER B 74 1.31 28.03 18.88
C SER B 74 2.30 26.95 18.47
N LYS B 75 2.14 25.74 18.99
CA LYS B 75 3.06 24.65 18.67
C LYS B 75 2.76 24.05 17.31
N SER B 76 1.64 24.45 16.70
CA SER B 76 1.24 23.93 15.39
C SER B 76 0.99 22.42 15.48
N GLN B 77 0.32 22.00 16.55
CA GLN B 77 0.05 20.59 16.77
C GLN B 77 -1.34 20.26 17.28
N VAL B 78 -1.97 19.29 16.62
CA VAL B 78 -3.30 18.83 17.02
C VAL B 78 -2.97 17.59 17.85
N PHE B 79 -3.93 17.12 18.62
CA PHE B 79 -3.69 15.99 19.49
C PHE B 79 -4.89 15.05 19.45
N PHE B 80 -4.71 13.90 18.83
CA PHE B 80 -5.79 12.93 18.76
C PHE B 80 -5.52 11.87 19.80
N LYS B 81 -6.53 11.54 20.60
CA LYS B 81 -6.39 10.51 21.59
C LYS B 81 -7.72 9.77 21.77
N MET B 82 -7.71 8.49 21.42
CA MET B 82 -8.89 7.64 21.53
C MET B 82 -8.67 6.71 22.70
N ASN B 83 -9.76 6.26 23.33
CA ASN B 83 -9.66 5.40 24.49
C ASN B 83 -10.32 4.07 24.25
N SER B 84 -9.96 3.08 25.09
CA SER B 84 -10.50 1.72 25.04
C SER B 84 -10.39 1.02 23.67
N LEU B 85 -9.20 1.02 23.09
CA LEU B 85 -8.99 0.42 21.77
C LEU B 85 -9.17 -1.10 21.64
N GLN B 86 -10.12 -1.50 20.82
CA GLN B 86 -10.36 -2.92 20.56
C GLN B 86 -9.70 -3.29 19.22
N PRO B 87 -9.38 -4.58 19.01
CA PRO B 87 -8.73 -5.11 17.81
C PRO B 87 -9.25 -4.64 16.45
N ASN B 88 -10.53 -4.28 16.38
CA ASN B 88 -11.13 -3.82 15.12
C ASN B 88 -10.90 -2.33 14.86
N ASP B 89 -10.18 -1.69 15.78
CA ASP B 89 -9.85 -0.26 15.66
C ASP B 89 -8.45 -0.16 15.08
N ARG B 90 -8.03 -1.25 14.46
CA ARG B 90 -6.76 -1.38 13.79
C ARG B 90 -7.05 -0.70 12.45
N ALA B 91 -6.26 0.31 12.10
CA ALA B 91 -6.45 1.05 10.86
C ALA B 91 -5.28 2.01 10.65
N ILE B 92 -5.36 2.83 9.61
CA ILE B 92 -4.33 3.82 9.36
C ILE B 92 -5.03 5.14 9.69
N TYR B 93 -4.47 5.89 10.63
CA TYR B 93 -5.04 7.16 11.04
C TYR B 93 -4.43 8.33 10.33
N TYR B 94 -5.29 9.24 9.93
CA TYR B 94 -4.88 10.40 9.18
C TYR B 94 -5.18 11.70 9.87
N CYS B 95 -4.58 12.74 9.32
CA CYS B 95 -4.70 14.10 9.79
C CYS B 95 -4.76 14.86 8.48
N ALA B 96 -5.89 15.47 8.19
CA ALA B 96 -6.06 16.16 6.94
C ALA B 96 -6.58 17.57 7.12
N ARG B 97 -5.90 18.52 6.48
CA ARG B 97 -6.31 19.91 6.58
C ARG B 97 -7.77 20.03 6.20
N ARG B 98 -8.46 20.95 6.89
CA ARG B 98 -9.87 21.19 6.62
C ARG B 98 -9.98 21.79 5.24
N GLY B 99 -9.24 22.88 5.03
CA GLY B 99 -9.23 23.59 3.77
C GLY B 99 -8.38 22.92 2.71
N GLY B 100 -7.46 23.69 2.10
CA GLY B 100 -6.57 23.18 1.06
C GLY B 100 -6.15 21.80 1.47
N ASP B 101 -6.79 20.80 0.89
CA ASP B 101 -6.53 19.43 1.27
C ASP B 101 -5.11 18.91 1.23
N PHE B 102 -4.58 18.78 2.44
CA PHE B 102 -3.25 18.27 2.67
C PHE B 102 -3.54 17.21 3.71
N TRP B 103 -2.96 16.04 3.52
CA TRP B 103 -3.17 14.95 4.45
C TRP B 103 -1.86 14.63 5.12
N GLY B 104 -1.92 13.70 6.06
CA GLY B 104 -0.73 13.28 6.75
C GLY B 104 -0.24 11.97 6.15
N GLN B 105 1.01 11.64 6.46
CA GLN B 105 1.68 10.42 6.02
C GLN B 105 0.84 9.21 6.42
N GLY B 106 0.18 9.31 7.55
CA GLY B 106 -0.64 8.23 8.07
C GLY B 106 0.11 7.63 9.23
N THR B 107 -0.61 6.96 10.13
CA THR B 107 -0.05 6.32 11.30
C THR B 107 -0.86 5.05 11.48
N THR B 108 -0.22 3.90 11.29
CA THR B 108 -0.93 2.64 11.42
C THR B 108 -0.96 2.09 12.84
N VAL B 109 -2.13 1.63 13.24
CA VAL B 109 -2.34 1.08 14.57
C VAL B 109 -2.79 -0.39 14.52
N THR B 110 -2.00 -1.23 15.20
CA THR B 110 -2.25 -2.66 15.29
C THR B 110 -2.69 -2.81 16.74
N VAL B 111 -3.79 -3.51 16.98
CA VAL B 111 -4.28 -3.67 18.35
C VAL B 111 -4.33 -5.13 18.75
N SER B 112 -3.23 -5.59 19.32
CA SER B 112 -3.09 -6.98 19.75
C SER B 112 -2.15 -7.08 20.94
N SER B 113 -2.22 -8.21 21.64
CA SER B 113 -1.36 -8.46 22.80
C SER B 113 -0.23 -9.36 22.32
N ALA B 114 0.57 -8.84 21.40
CA ALA B 114 1.65 -9.62 20.83
C ALA B 114 2.95 -8.86 20.63
N SER B 115 4.03 -9.63 20.63
CA SER B 115 5.41 -9.17 20.45
C SER B 115 5.63 -8.06 19.44
N THR B 116 6.85 -7.57 19.40
CA THR B 116 7.22 -6.50 18.49
C THR B 116 8.38 -6.97 17.60
N THR B 117 8.52 -8.29 17.54
CA THR B 117 9.56 -9.00 16.79
C THR B 117 10.29 -8.25 15.66
N ALA B 118 11.62 -8.25 15.76
CA ALA B 118 12.48 -7.58 14.77
C ALA B 118 12.73 -8.53 13.58
N PRO B 119 12.55 -8.02 12.35
CA PRO B 119 12.74 -8.76 11.11
C PRO B 119 14.13 -9.28 10.77
N SER B 120 14.14 -10.33 9.96
CA SER B 120 15.35 -10.97 9.50
C SER B 120 15.43 -10.65 8.00
N VAL B 121 16.40 -9.84 7.63
CA VAL B 121 16.56 -9.45 6.23
C VAL B 121 17.57 -10.35 5.53
N TYR B 122 17.09 -11.22 4.65
CA TYR B 122 17.96 -12.13 3.90
C TYR B 122 17.95 -11.71 2.43
N PRO B 123 19.13 -11.55 1.82
CA PRO B 123 19.16 -11.15 0.40
C PRO B 123 18.72 -12.33 -0.50
N LEU B 124 18.43 -12.03 -1.77
CA LEU B 124 18.04 -13.04 -2.73
C LEU B 124 18.82 -12.74 -4.00
N ALA B 125 19.75 -13.62 -4.34
CA ALA B 125 20.61 -13.46 -5.52
C ALA B 125 20.43 -14.60 -6.52
N PRO B 126 20.56 -14.29 -7.82
CA PRO B 126 20.39 -15.32 -8.83
C PRO B 126 21.59 -16.26 -8.83
N VAL B 127 21.32 -17.55 -8.65
CA VAL B 127 22.39 -18.53 -8.65
C VAL B 127 23.25 -18.37 -9.91
N SER B 128 22.61 -18.46 -11.07
CA SER B 128 23.28 -18.32 -12.36
C SER B 128 22.72 -17.10 -13.11
N GLY B 129 23.59 -16.13 -13.39
CA GLY B 129 23.17 -14.92 -14.08
C GLY B 129 22.83 -15.13 -15.55
N ASP B 130 22.11 -14.16 -16.12
CA ASP B 130 21.70 -14.23 -17.53
C ASP B 130 22.84 -13.77 -18.43
N GLN B 131 23.34 -14.68 -19.28
CA GLN B 131 24.43 -14.36 -20.22
C GLN B 131 23.98 -13.27 -21.19
N THR B 132 22.74 -13.37 -21.64
CA THR B 132 22.19 -12.36 -22.55
C THR B 132 22.20 -11.07 -21.73
N ASN B 133 22.82 -10.03 -22.28
CA ASN B 133 22.93 -8.75 -21.59
C ASN B 133 21.59 -8.00 -21.43
N SER B 134 20.52 -8.74 -21.15
CA SER B 134 19.21 -8.12 -20.95
C SER B 134 19.02 -7.65 -19.51
N SER B 135 18.49 -8.52 -18.66
CA SER B 135 18.25 -8.12 -17.29
C SER B 135 18.68 -9.16 -16.27
N VAL B 136 18.84 -8.71 -15.04
CA VAL B 136 19.24 -9.55 -13.93
C VAL B 136 18.29 -9.07 -12.82
N THR B 137 17.68 -10.00 -12.10
CA THR B 137 16.76 -9.65 -11.03
C THR B 137 17.20 -10.16 -9.67
N LEU B 138 17.27 -9.23 -8.71
CA LEU B 138 17.67 -9.57 -7.35
C LEU B 138 16.43 -9.39 -6.47
N GLY B 139 16.53 -9.80 -5.21
CA GLY B 139 15.40 -9.68 -4.32
C GLY B 139 15.86 -9.55 -2.89
N CYS B 140 14.92 -9.33 -1.97
CA CYS B 140 15.24 -9.17 -0.55
C CYS B 140 14.06 -9.80 0.19
N LEU B 141 14.32 -10.43 1.33
CA LEU B 141 13.27 -11.09 2.11
C LEU B 141 13.31 -10.61 3.55
N VAL B 142 12.15 -10.22 4.07
CA VAL B 142 12.08 -9.72 5.43
C VAL B 142 11.12 -10.58 6.24
N LYS B 143 11.64 -11.60 6.90
CA LYS B 143 10.80 -12.49 7.69
C LYS B 143 10.87 -12.19 9.17
N GLY B 144 9.87 -12.71 9.88
CA GLY B 144 9.81 -12.58 11.33
C GLY B 144 9.77 -11.21 11.98
N TYR B 145 8.62 -10.54 11.87
CA TYR B 145 8.42 -9.24 12.50
C TYR B 145 6.94 -9.08 12.79
N PHE B 146 6.58 -8.21 13.74
CA PHE B 146 5.16 -8.06 14.04
C PHE B 146 4.43 -6.79 13.58
N PRO B 147 4.52 -5.65 14.32
CA PRO B 147 3.80 -4.46 13.84
C PRO B 147 4.10 -4.21 12.37
N GLU B 148 3.11 -4.46 11.53
CA GLU B 148 3.27 -4.34 10.09
C GLU B 148 4.09 -3.18 9.52
N PRO B 149 4.00 -1.98 10.10
CA PRO B 149 4.83 -0.94 9.48
C PRO B 149 6.33 -1.29 9.44
N VAL B 150 6.88 -1.34 8.23
CA VAL B 150 8.30 -1.63 7.94
C VAL B 150 8.61 -0.97 6.60
N THR B 151 9.72 -0.26 6.50
CA THR B 151 10.09 0.37 5.24
C THR B 151 11.21 -0.42 4.55
N LEU B 152 11.27 -0.32 3.22
CA LEU B 152 12.28 -1.03 2.43
C LEU B 152 12.63 -0.18 1.22
N THR B 153 13.87 -0.26 0.75
CA THR B 153 14.33 0.51 -0.40
C THR B 153 15.59 -0.10 -1.03
N TRP B 154 15.94 0.36 -2.23
CA TRP B 154 17.09 -0.15 -2.95
C TRP B 154 18.13 0.92 -3.24
N ASN B 155 19.32 0.72 -2.66
CA ASN B 155 20.43 1.67 -2.81
C ASN B 155 19.93 3.01 -2.26
N SER B 156 19.17 2.92 -1.17
CA SER B 156 18.59 4.06 -0.46
C SER B 156 17.89 5.05 -1.39
N GLY B 157 16.82 4.58 -2.02
CA GLY B 157 16.07 5.41 -2.92
C GLY B 157 16.70 5.66 -4.27
N SER B 158 18.04 5.59 -4.37
CA SER B 158 18.70 5.84 -5.64
C SER B 158 18.19 4.88 -6.72
N LEU B 159 17.94 3.64 -6.30
CA LEU B 159 17.41 2.63 -7.21
C LEU B 159 15.91 2.63 -6.96
N SER B 160 15.20 3.29 -7.87
CA SER B 160 13.75 3.43 -7.79
C SER B 160 13.03 2.62 -8.87
N SER B 161 13.39 2.80 -10.13
CA SER B 161 12.74 2.04 -11.18
C SER B 161 13.02 0.54 -10.99
N GLY B 162 12.16 -0.30 -11.55
CA GLY B 162 12.36 -1.74 -11.46
C GLY B 162 12.16 -2.34 -10.08
N VAL B 163 11.68 -1.54 -9.12
CA VAL B 163 11.45 -2.02 -7.76
C VAL B 163 10.00 -2.50 -7.63
N HIS B 164 9.81 -3.66 -6.99
CA HIS B 164 8.48 -4.21 -6.75
C HIS B 164 8.48 -4.70 -5.31
N THR B 165 7.79 -4.00 -4.43
CA THR B 165 7.71 -4.44 -3.05
C THR B 165 6.32 -5.00 -2.84
N PHE B 166 6.25 -6.27 -2.50
CA PHE B 166 4.98 -6.96 -2.30
C PHE B 166 4.54 -6.84 -0.87
N PRO B 167 3.26 -6.51 -0.65
CA PRO B 167 2.73 -6.38 0.72
C PRO B 167 3.11 -7.60 1.55
N ALA B 168 3.38 -7.38 2.83
CA ALA B 168 3.76 -8.46 3.71
C ALA B 168 2.56 -9.38 3.90
N VAL B 169 2.85 -10.67 4.03
CA VAL B 169 1.80 -11.64 4.23
C VAL B 169 2.00 -12.18 5.62
N LEU B 170 0.91 -12.56 6.26
CA LEU B 170 0.93 -13.08 7.62
C LEU B 170 0.56 -14.56 7.63
N GLN B 171 1.33 -15.34 8.37
CA GLN B 171 1.06 -16.77 8.47
C GLN B 171 0.71 -17.07 9.92
N SER B 172 1.64 -17.68 10.66
CA SER B 172 1.39 -18.01 12.06
C SER B 172 1.67 -16.79 12.94
N ASP B 173 0.90 -15.74 12.71
CA ASP B 173 0.99 -14.49 13.46
C ASP B 173 2.35 -13.77 13.36
N LEU B 174 2.86 -13.70 12.14
CA LEU B 174 4.12 -13.04 11.82
C LEU B 174 4.02 -12.56 10.37
N TYR B 175 4.71 -11.46 10.08
CA TYR B 175 4.70 -10.90 8.74
C TYR B 175 5.99 -11.18 7.99
N THR B 176 5.85 -11.32 6.68
CA THR B 176 6.96 -11.55 5.78
C THR B 176 6.72 -10.62 4.61
N LEU B 177 7.69 -9.79 4.31
CA LEU B 177 7.63 -8.83 3.20
C LEU B 177 8.68 -9.30 2.22
N SER B 178 8.59 -8.86 0.97
CA SER B 178 9.55 -9.23 -0.08
C SER B 178 9.56 -8.17 -1.17
N SER B 179 10.76 -7.81 -1.64
CA SER B 179 10.91 -6.81 -2.68
C SER B 179 11.87 -7.32 -3.73
N SER B 180 11.71 -6.82 -4.96
CA SER B 180 12.54 -7.22 -6.09
C SER B 180 13.13 -6.00 -6.78
N VAL B 181 14.11 -6.23 -7.66
CA VAL B 181 14.75 -5.17 -8.40
C VAL B 181 15.35 -5.84 -9.64
N THR B 182 15.14 -5.25 -10.81
CA THR B 182 15.63 -5.83 -12.05
C THR B 182 16.52 -4.94 -12.90
N VAL B 183 17.79 -4.90 -12.54
CA VAL B 183 18.75 -4.10 -13.28
C VAL B 183 19.16 -4.84 -14.57
N THR B 184 19.90 -4.16 -15.44
CA THR B 184 20.35 -4.77 -16.68
C THR B 184 21.40 -5.80 -16.27
N SER B 185 21.83 -6.65 -17.20
CA SER B 185 22.85 -7.66 -16.87
C SER B 185 24.13 -6.97 -16.37
N SER B 186 24.51 -5.89 -17.05
CA SER B 186 25.72 -5.14 -16.72
C SER B 186 25.78 -4.54 -15.30
N PRO B 187 24.68 -3.94 -14.81
CA PRO B 187 24.66 -3.36 -13.46
C PRO B 187 25.09 -4.17 -12.23
N TRP B 188 24.45 -5.31 -11.95
CA TRP B 188 24.78 -6.10 -10.75
C TRP B 188 26.26 -6.31 -10.42
N PRO B 189 27.07 -6.76 -11.39
CA PRO B 189 28.49 -6.95 -11.06
C PRO B 189 29.25 -5.65 -10.77
N SER B 190 29.00 -4.62 -11.59
CA SER B 190 29.66 -3.33 -11.41
C SER B 190 29.02 -2.48 -10.31
N GLU B 191 27.76 -2.10 -10.51
CA GLU B 191 27.03 -1.30 -9.53
C GLU B 191 26.72 -2.13 -8.30
N THR B 192 26.84 -1.52 -7.13
CA THR B 192 26.59 -2.21 -5.87
C THR B 192 25.15 -2.11 -5.36
N ILE B 193 24.35 -3.13 -5.65
CA ILE B 193 22.97 -3.14 -5.20
C ILE B 193 22.87 -3.54 -3.73
N THR B 194 22.02 -2.83 -2.99
CA THR B 194 21.83 -3.10 -1.57
C THR B 194 20.38 -2.86 -1.20
N CYS B 195 19.82 -3.71 -0.35
CA CYS B 195 18.44 -3.51 0.10
C CYS B 195 18.44 -3.06 1.55
N ASN B 196 18.03 -1.81 1.73
CA ASN B 196 17.97 -1.18 3.04
C ASN B 196 16.59 -1.42 3.62
N VAL B 197 16.52 -1.99 4.82
CA VAL B 197 15.23 -2.26 5.46
C VAL B 197 15.21 -1.65 6.86
N ALA B 198 14.02 -1.45 7.42
CA ALA B 198 13.86 -0.86 8.76
C ALA B 198 12.45 -1.02 9.32
N HIS B 199 12.33 -1.81 10.39
CA HIS B 199 11.05 -2.04 11.05
C HIS B 199 10.87 -1.03 12.20
N PRO B 200 10.13 0.06 11.95
CA PRO B 200 9.92 1.07 13.00
C PRO B 200 9.03 0.47 14.06
N ALA B 201 9.63 0.04 15.17
CA ALA B 201 8.92 -0.56 16.29
C ALA B 201 9.96 -1.17 17.20
N SER B 202 10.99 -1.73 16.56
CA SER B 202 12.10 -2.35 17.24
C SER B 202 13.36 -1.55 16.92
N SER B 203 13.20 -0.51 16.11
CA SER B 203 14.31 0.34 15.71
C SER B 203 15.41 -0.53 15.09
N THR B 204 15.06 -1.21 13.99
CA THR B 204 16.00 -2.09 13.30
C THR B 204 16.32 -1.59 11.91
N LYS B 205 17.51 -1.03 11.74
CA LYS B 205 17.96 -0.54 10.44
C LYS B 205 18.92 -1.60 9.93
N VAL B 206 18.65 -2.13 8.73
CA VAL B 206 19.50 -3.16 8.15
C VAL B 206 19.86 -2.85 6.72
N ASP B 207 20.99 -3.39 6.25
CA ASP B 207 21.46 -3.19 4.89
C ASP B 207 21.95 -4.52 4.34
N LYS B 208 21.30 -5.02 3.29
CA LYS B 208 21.69 -6.30 2.68
C LYS B 208 22.08 -6.16 1.21
N LYS B 209 23.37 -6.11 0.95
CA LYS B 209 23.83 -5.99 -0.41
C LYS B 209 23.77 -7.35 -1.08
N ILE B 210 23.05 -7.39 -2.19
CA ILE B 210 22.86 -8.62 -2.95
C ILE B 210 24.18 -9.04 -3.59
N GLU B 211 24.70 -10.17 -3.14
CA GLU B 211 25.97 -10.69 -3.64
C GLU B 211 25.83 -12.00 -4.42
N PRO B 212 26.76 -12.24 -5.37
CA PRO B 212 26.75 -13.45 -6.19
C PRO B 212 26.90 -14.72 -5.36
N ARG B 213 26.36 -15.82 -5.87
CA ARG B 213 26.43 -17.12 -5.20
C ARG B 213 26.65 -18.22 -6.25
N GLY B 214 26.67 -19.48 -5.80
CA GLY B 214 26.87 -20.60 -6.70
C GLY B 214 26.78 -21.89 -5.91
N CYS B 215 26.00 -22.85 -6.40
CA CYS B 215 25.80 -24.13 -5.73
C CYS B 215 25.99 -25.30 -6.70
#